data_2BMZ
#
_entry.id   2BMZ
#
_cell.length_a   81.623
_cell.length_b   81.623
_cell.length_c   146.815
_cell.angle_alpha   90.00
_cell.angle_beta   90.00
_cell.angle_gamma   120.00
#
_symmetry.space_group_name_H-M   'P 32 2 1'
#
loop_
_entity.id
_entity.type
_entity.pdbx_description
1 polymer 'RIPENING-ASSOCIATED PROTEIN'
2 branched 'beta-D-xylopyranose-(1-3)-methyl alpha-D-mannopyranoside'
3 non-polymer 'SULFATE ION'
4 non-polymer 'CADMIUM ION'
5 water water
#
_entity_poly.entity_id   1
_entity_poly.type   'polypeptide(L)'
_entity_poly.pdbx_seq_one_letter_code
;MNGAIKVGAWGGNGGSAFDMGPAYRIISVKIFSGDVVDGVDVTFTYYGKTETRHYGGSGGTPHEIVLQEGEYLVGMAGEV
ANYHGAVVLGKLGFSTNKKAYGPFGNTGGTPFSLPIAAGKISGFFGRGGKFLDAIGVYLEP
;
_entity_poly.pdbx_strand_id   A,B
#
loop_
_chem_comp.id
_chem_comp.type
_chem_comp.name
_chem_comp.formula
CD non-polymer 'CADMIUM ION' 'Cd 2'
MMA D-saccharide 'methyl alpha-D-mannopyranoside' 'C7 H14 O6'
SO4 non-polymer 'SULFATE ION' 'O4 S -2'
XYP D-saccharide, beta linking beta-D-xylopyranose 'C5 H10 O5'
#
# COMPACT_ATOMS: atom_id res chain seq x y z
N MET A 1 -20.62 -6.12 -8.48
CA MET A 1 -20.76 -6.18 -9.96
C MET A 1 -20.05 -7.41 -10.55
N ASN A 2 -20.43 -7.77 -11.77
CA ASN A 2 -19.87 -8.94 -12.45
C ASN A 2 -20.18 -10.22 -11.70
N GLY A 3 -21.36 -10.26 -11.11
CA GLY A 3 -21.78 -11.44 -10.38
C GLY A 3 -21.10 -11.65 -9.04
N ALA A 4 -20.57 -10.59 -8.45
CA ALA A 4 -19.92 -10.73 -7.15
C ALA A 4 -20.95 -10.76 -6.05
N ILE A 5 -20.62 -11.45 -4.97
CA ILE A 5 -21.49 -11.52 -3.81
C ILE A 5 -20.71 -10.95 -2.62
N LYS A 6 -21.18 -9.84 -2.09
CA LYS A 6 -20.52 -9.19 -0.97
C LYS A 6 -21.46 -9.17 0.22
N VAL A 7 -21.05 -9.83 1.29
CA VAL A 7 -21.89 -9.85 2.47
C VAL A 7 -21.28 -9.09 3.61
N GLY A 8 -22.18 -8.48 4.36
CA GLY A 8 -21.76 -7.75 5.52
C GLY A 8 -21.26 -6.36 5.30
N ALA A 9 -20.20 -6.12 6.05
CA ALA A 9 -19.52 -4.87 6.21
C ALA A 9 -20.03 -4.77 7.65
N TRP A 10 -19.37 -5.49 8.55
CA TRP A 10 -19.76 -5.49 9.96
C TRP A 10 -18.87 -4.51 10.72
N GLY A 11 -19.49 -3.59 11.44
CA GLY A 11 -18.75 -2.61 12.20
C GLY A 11 -19.40 -1.25 12.18
N GLY A 12 -18.58 -0.21 12.37
CA GLY A 12 -19.13 1.14 12.40
C GLY A 12 -18.96 1.89 11.09
N ASN A 13 -19.61 3.05 11.02
CA ASN A 13 -19.59 3.88 9.81
C ASN A 13 -18.42 4.87 9.76
N GLY A 14 -17.50 4.76 10.71
CA GLY A 14 -16.36 5.67 10.71
C GLY A 14 -15.31 5.28 9.68
N GLY A 15 -14.13 5.89 9.80
CA GLY A 15 -13.05 5.62 8.90
C GLY A 15 -13.38 5.93 7.45
N SER A 16 -12.67 5.26 6.55
CA SER A 16 -12.88 5.43 5.11
C SER A 16 -13.00 4.06 4.44
N ALA A 17 -13.90 3.99 3.48
CA ALA A 17 -14.13 2.74 2.76
C ALA A 17 -12.91 2.22 2.03
N PHE A 18 -12.71 0.91 2.13
CA PHE A 18 -11.62 0.25 1.43
C PHE A 18 -12.27 -0.94 0.72
N ASP A 19 -11.63 -1.45 -0.33
CA ASP A 19 -12.18 -2.57 -1.07
C ASP A 19 -11.11 -3.32 -1.84
N MET A 20 -10.77 -4.51 -1.36
CA MET A 20 -9.77 -5.34 -1.98
C MET A 20 -10.21 -5.90 -3.33
N GLY A 21 -11.52 -6.04 -3.49
CA GLY A 21 -12.05 -6.63 -4.71
C GLY A 21 -11.83 -8.13 -4.52
N PRO A 22 -12.37 -8.99 -5.40
CA PRO A 22 -12.14 -10.42 -5.20
C PRO A 22 -10.76 -10.86 -5.66
N ALA A 23 -10.25 -11.92 -5.05
CA ALA A 23 -8.95 -12.45 -5.42
C ALA A 23 -9.13 -13.74 -6.20
N TYR A 24 -8.15 -14.07 -7.03
CA TYR A 24 -8.20 -15.31 -7.80
C TYR A 24 -7.85 -16.41 -6.81
N ARG A 25 -7.11 -16.03 -5.77
CA ARG A 25 -6.69 -16.97 -4.75
C ARG A 25 -5.99 -16.23 -3.60
N ILE A 26 -6.49 -16.43 -2.38
CA ILE A 26 -5.90 -15.79 -1.22
C ILE A 26 -4.75 -16.65 -0.69
N ILE A 27 -3.58 -16.04 -0.54
CA ILE A 27 -2.39 -16.74 -0.06
C ILE A 27 -2.26 -16.70 1.46
N SER A 28 -2.49 -15.53 2.06
CA SER A 28 -2.40 -15.41 3.51
C SER A 28 -3.14 -14.18 4.01
N VAL A 29 -3.57 -14.25 5.26
CA VAL A 29 -4.26 -13.13 5.90
C VAL A 29 -3.56 -12.88 7.23
N LYS A 30 -3.15 -11.63 7.44
CA LYS A 30 -2.47 -11.28 8.68
C LYS A 30 -3.29 -10.25 9.44
N ILE A 31 -3.84 -10.66 10.58
CA ILE A 31 -4.66 -9.77 11.40
C ILE A 31 -3.81 -9.09 12.47
N PHE A 32 -3.92 -7.76 12.55
CA PHE A 32 -3.19 -6.99 13.54
C PHE A 32 -4.12 -6.55 14.66
N SER A 33 -3.84 -7.00 15.87
CA SER A 33 -4.69 -6.67 17.02
C SER A 33 -3.98 -6.24 18.31
N GLY A 34 -4.76 -5.58 19.14
CA GLY A 34 -4.32 -5.11 20.45
C GLY A 34 -5.56 -5.16 21.32
N ASP A 35 -6.06 -4.00 21.71
CA ASP A 35 -7.28 -3.97 22.51
C ASP A 35 -8.38 -4.38 21.52
N VAL A 36 -8.25 -3.89 20.29
CA VAL A 36 -9.20 -4.15 19.23
C VAL A 36 -8.42 -4.63 18.00
N VAL A 37 -9.10 -4.68 16.86
CA VAL A 37 -8.44 -5.10 15.62
C VAL A 37 -7.97 -3.83 14.94
N ASP A 38 -6.67 -3.76 14.68
CA ASP A 38 -6.07 -2.58 14.07
C ASP A 38 -6.19 -2.55 12.56
N GLY A 39 -5.79 -3.65 11.94
CA GLY A 39 -5.85 -3.73 10.51
C GLY A 39 -5.70 -5.16 10.03
N VAL A 40 -5.76 -5.32 8.72
CA VAL A 40 -5.63 -6.62 8.10
C VAL A 40 -4.77 -6.46 6.88
N ASP A 41 -3.85 -7.40 6.70
CA ASP A 41 -2.96 -7.39 5.55
C ASP A 41 -3.28 -8.65 4.77
N VAL A 42 -3.46 -8.48 3.47
CA VAL A 42 -3.80 -9.62 2.64
C VAL A 42 -2.86 -9.79 1.46
N THR A 43 -2.38 -11.01 1.28
CA THR A 43 -1.51 -11.34 0.17
C THR A 43 -2.26 -12.37 -0.68
N PHE A 44 -2.48 -12.02 -1.94
CA PHE A 44 -3.24 -12.87 -2.84
C PHE A 44 -2.76 -12.80 -4.28
N THR A 45 -3.46 -13.54 -5.13
CA THR A 45 -3.17 -13.60 -6.56
C THR A 45 -4.29 -12.91 -7.34
N TYR A 46 -3.91 -12.20 -8.39
CA TYR A 46 -4.88 -11.50 -9.25
C TYR A 46 -4.22 -11.30 -10.61
N TYR A 47 -4.84 -11.86 -11.65
CA TYR A 47 -4.29 -11.76 -12.99
C TYR A 47 -2.92 -12.42 -13.04
N GLY A 48 -2.73 -13.45 -12.21
CA GLY A 48 -1.46 -14.14 -12.19
C GLY A 48 -0.32 -13.32 -11.60
N LYS A 49 -0.66 -12.33 -10.79
CA LYS A 49 0.33 -11.46 -10.15
C LYS A 49 0.07 -11.46 -8.65
N THR A 50 1.12 -11.60 -7.84
CA THR A 50 0.94 -11.59 -6.40
C THR A 50 0.78 -10.15 -5.95
N GLU A 51 -0.12 -9.93 -4.99
CA GLU A 51 -0.38 -8.60 -4.47
C GLU A 51 -0.55 -8.65 -2.97
N THR A 52 -0.33 -7.52 -2.31
CA THR A 52 -0.50 -7.39 -0.88
C THR A 52 -1.20 -6.07 -0.65
N ARG A 53 -2.16 -6.07 0.26
CA ARG A 53 -2.89 -4.87 0.58
C ARG A 53 -2.88 -4.68 2.08
N HIS A 54 -2.88 -3.42 2.50
CA HIS A 54 -2.84 -3.09 3.92
C HIS A 54 -4.10 -2.31 4.26
N TYR A 55 -4.96 -2.91 5.07
CA TYR A 55 -6.22 -2.28 5.44
C TYR A 55 -6.28 -1.99 6.93
N GLY A 56 -7.01 -0.93 7.28
CA GLY A 56 -7.13 -0.56 8.67
C GLY A 56 -5.92 0.26 9.11
N GLY A 57 -5.71 0.33 10.42
CA GLY A 57 -4.58 1.07 10.94
C GLY A 57 -3.29 0.29 10.93
N SER A 58 -2.21 0.93 11.36
CA SER A 58 -0.88 0.31 11.38
C SER A 58 -0.44 -0.30 12.71
N GLY A 59 -1.21 -0.05 13.77
CA GLY A 59 -0.86 -0.59 15.07
C GLY A 59 -1.07 -2.08 15.26
N GLY A 60 -1.11 -2.51 16.52
CA GLY A 60 -1.34 -3.91 16.86
C GLY A 60 -0.27 -4.93 16.52
N THR A 61 -0.50 -6.16 16.99
CA THR A 61 0.38 -7.29 16.79
C THR A 61 -0.16 -8.17 15.64
N PRO A 62 0.74 -8.81 14.88
CA PRO A 62 0.30 -9.65 13.76
C PRO A 62 -0.03 -11.11 14.11
N HIS A 63 -1.10 -11.60 13.47
CA HIS A 63 -1.57 -12.97 13.60
C HIS A 63 -1.80 -13.40 12.16
N GLU A 64 -1.01 -14.35 11.69
CA GLU A 64 -1.09 -14.77 10.30
C GLU A 64 -1.71 -16.13 9.98
N ILE A 65 -2.57 -16.12 8.96
CA ILE A 65 -3.23 -17.31 8.47
C ILE A 65 -2.67 -17.60 7.08
N VAL A 66 -1.99 -18.73 6.93
CA VAL A 66 -1.42 -19.11 5.65
C VAL A 66 -2.23 -20.26 5.08
N LEU A 67 -2.84 -20.03 3.92
CA LEU A 67 -3.66 -21.05 3.30
C LEU A 67 -2.85 -22.02 2.44
N GLN A 68 -2.81 -23.27 2.88
CA GLN A 68 -2.07 -24.32 2.18
C GLN A 68 -2.78 -24.66 0.87
N GLU A 69 -2.28 -25.70 0.20
CA GLU A 69 -2.85 -26.14 -1.06
C GLU A 69 -4.19 -26.83 -0.82
N GLY A 70 -5.27 -26.16 -1.20
CA GLY A 70 -6.58 -26.75 -1.02
C GLY A 70 -7.30 -26.27 0.22
N GLU A 71 -6.69 -25.32 0.93
CA GLU A 71 -7.27 -24.77 2.13
C GLU A 71 -8.00 -23.49 1.71
N TYR A 72 -9.16 -23.24 2.31
CA TYR A 72 -9.94 -22.05 1.98
C TYR A 72 -10.57 -21.47 3.23
N LEU A 73 -10.92 -20.18 3.17
CA LEU A 73 -11.56 -19.51 4.28
C LEU A 73 -13.06 -19.77 4.19
N VAL A 74 -13.57 -20.57 5.12
CA VAL A 74 -14.98 -20.92 5.13
C VAL A 74 -15.74 -20.38 6.32
N GLY A 75 -15.23 -19.31 6.93
CA GLY A 75 -15.90 -18.73 8.08
C GLY A 75 -15.20 -17.51 8.65
N MET A 76 -15.98 -16.56 9.13
CA MET A 76 -15.45 -15.36 9.74
C MET A 76 -16.39 -14.94 10.86
N ALA A 77 -15.83 -14.61 12.02
CA ALA A 77 -16.64 -14.19 13.17
C ALA A 77 -15.89 -13.13 13.97
N GLY A 78 -16.62 -12.38 14.78
CA GLY A 78 -15.97 -11.35 15.57
C GLY A 78 -16.96 -10.56 16.41
N GLU A 79 -16.57 -9.34 16.77
CA GLU A 79 -17.41 -8.47 17.58
C GLU A 79 -17.14 -7.02 17.28
N VAL A 80 -18.19 -6.21 17.29
CA VAL A 80 -18.08 -4.79 17.02
C VAL A 80 -18.57 -4.04 18.26
N ALA A 81 -17.94 -2.93 18.58
CA ALA A 81 -18.33 -2.16 19.75
C ALA A 81 -17.62 -0.82 19.81
N ASN A 82 -17.89 -0.07 20.87
CA ASN A 82 -17.28 1.23 21.04
C ASN A 82 -15.85 1.14 21.57
N TYR A 83 -15.02 2.05 21.11
CA TYR A 83 -13.63 2.13 21.53
C TYR A 83 -13.26 3.59 21.38
N HIS A 84 -13.17 4.29 22.51
CA HIS A 84 -12.83 5.71 22.53
C HIS A 84 -13.73 6.52 21.61
N GLY A 85 -15.04 6.32 21.75
CA GLY A 85 -15.98 7.07 20.93
C GLY A 85 -16.09 6.62 19.49
N ALA A 86 -15.52 5.48 19.15
CA ALA A 86 -15.59 4.98 17.79
C ALA A 86 -15.94 3.49 17.75
N VAL A 87 -16.94 3.14 16.94
CA VAL A 87 -17.37 1.73 16.79
C VAL A 87 -16.44 1.04 15.80
N VAL A 88 -15.73 0.02 16.27
CA VAL A 88 -14.80 -0.69 15.41
C VAL A 88 -14.78 -2.17 15.80
N LEU A 89 -14.00 -2.96 15.08
CA LEU A 89 -13.88 -4.38 15.38
C LEU A 89 -13.02 -4.62 16.61
N GLY A 90 -13.65 -5.11 17.68
CA GLY A 90 -12.92 -5.40 18.90
C GLY A 90 -12.31 -6.79 18.87
N LYS A 91 -12.88 -7.66 18.05
CA LYS A 91 -12.38 -9.03 17.91
C LYS A 91 -12.63 -9.52 16.48
N LEU A 92 -11.81 -10.46 16.02
CA LEU A 92 -11.94 -10.99 14.67
C LEU A 92 -11.23 -12.32 14.54
N GLY A 93 -11.90 -13.28 13.88
CA GLY A 93 -11.33 -14.59 13.66
C GLY A 93 -11.81 -15.17 12.33
N PHE A 94 -11.20 -16.27 11.91
CA PHE A 94 -11.58 -16.94 10.67
C PHE A 94 -11.46 -18.44 10.86
N SER A 95 -12.06 -19.20 9.95
CA SER A 95 -11.97 -20.65 9.99
C SER A 95 -11.64 -21.10 8.59
N THR A 96 -10.97 -22.25 8.48
CA THR A 96 -10.65 -22.80 7.17
C THR A 96 -11.16 -24.23 7.24
N ASN A 97 -11.19 -24.91 6.10
CA ASN A 97 -11.66 -26.28 6.08
C ASN A 97 -10.66 -27.20 6.78
N LYS A 98 -9.76 -26.60 7.56
CA LYS A 98 -8.76 -27.38 8.29
C LYS A 98 -8.65 -27.01 9.77
N LYS A 99 -8.81 -25.72 10.10
CA LYS A 99 -8.73 -25.29 11.49
C LYS A 99 -9.27 -23.88 11.69
N ALA A 100 -9.57 -23.53 12.94
CA ALA A 100 -10.10 -22.21 13.26
C ALA A 100 -8.98 -21.30 13.77
N TYR A 101 -9.15 -19.99 13.58
CA TYR A 101 -8.15 -19.03 14.02
C TYR A 101 -8.77 -17.91 14.83
N GLY A 102 -8.08 -17.50 15.89
CA GLY A 102 -8.57 -16.43 16.72
C GLY A 102 -9.72 -16.89 17.60
N PRO A 103 -10.63 -15.97 17.95
CA PRO A 103 -10.57 -14.56 17.54
C PRO A 103 -9.38 -13.78 18.11
N PHE A 104 -9.05 -12.68 17.45
CA PHE A 104 -7.95 -11.81 17.83
C PHE A 104 -8.50 -10.44 18.19
N GLY A 105 -8.03 -9.91 19.32
CA GLY A 105 -8.52 -8.62 19.79
C GLY A 105 -8.96 -8.86 21.22
N ASN A 106 -9.29 -7.81 21.96
CA ASN A 106 -9.70 -7.99 23.35
C ASN A 106 -10.88 -7.14 23.80
N THR A 107 -11.40 -6.33 22.91
CA THR A 107 -12.54 -5.49 23.25
C THR A 107 -13.85 -6.17 22.84
N GLY A 108 -14.62 -6.61 23.83
CA GLY A 108 -15.89 -7.27 23.57
C GLY A 108 -16.97 -6.32 23.08
N GLY A 109 -17.98 -6.89 22.42
CA GLY A 109 -19.08 -6.09 21.91
C GLY A 109 -20.11 -6.93 21.17
N THR A 110 -20.93 -6.28 20.35
CA THR A 110 -21.97 -6.95 19.57
C THR A 110 -21.36 -8.02 18.65
N PRO A 111 -21.61 -9.29 18.93
CA PRO A 111 -21.05 -10.37 18.11
C PRO A 111 -21.70 -10.50 16.71
N PHE A 112 -21.01 -11.18 15.82
CA PHE A 112 -21.50 -11.44 14.47
C PHE A 112 -20.76 -12.68 14.03
N SER A 113 -21.38 -13.49 13.18
CA SER A 113 -20.76 -14.71 12.71
C SER A 113 -21.22 -15.05 11.30
N LEU A 114 -20.28 -15.59 10.52
CA LEU A 114 -20.56 -15.93 9.14
C LEU A 114 -20.04 -17.29 8.80
N PRO A 115 -20.69 -18.35 9.29
CA PRO A 115 -20.21 -19.68 8.96
C PRO A 115 -20.66 -19.91 7.51
N ILE A 116 -19.82 -20.51 6.69
CA ILE A 116 -20.19 -20.73 5.29
C ILE A 116 -20.34 -22.22 5.01
N ALA A 117 -21.59 -22.67 4.90
CA ALA A 117 -21.91 -24.08 4.64
C ALA A 117 -21.46 -24.55 3.25
N ALA A 118 -21.48 -23.64 2.28
CA ALA A 118 -21.03 -23.99 0.94
C ALA A 118 -20.46 -22.73 0.34
N GLY A 119 -19.23 -22.81 -0.14
CA GLY A 119 -18.56 -21.66 -0.71
C GLY A 119 -17.35 -21.28 0.14
N LYS A 120 -16.71 -20.18 -0.23
CA LYS A 120 -15.52 -19.72 0.48
C LYS A 120 -15.42 -18.20 0.40
N ILE A 121 -14.52 -17.63 1.18
CA ILE A 121 -14.29 -16.19 1.15
C ILE A 121 -13.27 -15.98 0.04
N SER A 122 -13.43 -14.94 -0.76
CA SER A 122 -12.49 -14.70 -1.85
C SER A 122 -11.85 -13.31 -1.82
N GLY A 123 -12.35 -12.43 -0.94
CA GLY A 123 -11.80 -11.09 -0.85
C GLY A 123 -12.38 -10.31 0.31
N PHE A 124 -11.91 -9.08 0.50
CA PHE A 124 -12.38 -8.27 1.60
C PHE A 124 -12.72 -6.85 1.19
N PHE A 125 -13.56 -6.22 1.98
CA PHE A 125 -13.93 -4.84 1.76
C PHE A 125 -14.32 -4.34 3.14
N GLY A 126 -14.47 -3.02 3.29
CA GLY A 126 -14.84 -2.50 4.58
C GLY A 126 -14.49 -1.04 4.81
N ARG A 127 -14.19 -0.73 6.06
CA ARG A 127 -13.85 0.61 6.47
C ARG A 127 -12.68 0.62 7.43
N GLY A 128 -11.72 1.50 7.18
CA GLY A 128 -10.55 1.60 8.03
C GLY A 128 -10.19 3.02 8.38
N GLY A 129 -9.52 3.19 9.51
CA GLY A 129 -9.08 4.50 9.96
C GLY A 129 -7.86 4.25 10.83
N LYS A 130 -7.92 4.64 12.10
CA LYS A 130 -6.79 4.38 12.99
C LYS A 130 -6.84 2.88 13.26
N PHE A 131 -8.06 2.33 13.23
CA PHE A 131 -8.28 0.89 13.44
C PHE A 131 -9.20 0.36 12.34
N LEU A 132 -9.63 -0.89 12.47
CA LEU A 132 -10.52 -1.50 11.48
C LEU A 132 -11.97 -1.28 11.94
N ASP A 133 -12.60 -0.23 11.43
CA ASP A 133 -13.99 0.08 11.80
C ASP A 133 -14.99 -0.98 11.36
N ALA A 134 -14.84 -1.47 10.14
CA ALA A 134 -15.75 -2.47 9.61
C ALA A 134 -15.10 -3.37 8.58
N ILE A 135 -15.53 -4.62 8.56
CA ILE A 135 -15.00 -5.57 7.61
C ILE A 135 -16.13 -6.44 7.04
N GLY A 136 -16.02 -6.76 5.75
CA GLY A 136 -16.99 -7.57 5.06
C GLY A 136 -16.24 -8.45 4.08
N VAL A 137 -16.90 -9.42 3.45
CA VAL A 137 -16.23 -10.31 2.50
C VAL A 137 -16.93 -10.56 1.16
N TYR A 138 -16.15 -11.06 0.21
CA TYR A 138 -16.63 -11.44 -1.11
C TYR A 138 -16.80 -12.95 -1.04
N LEU A 139 -17.91 -13.47 -1.55
CA LEU A 139 -18.11 -14.91 -1.52
C LEU A 139 -18.15 -15.52 -2.91
N GLU A 140 -17.80 -16.80 -2.97
CA GLU A 140 -17.85 -17.53 -4.22
C GLU A 140 -17.86 -19.00 -3.86
N PRO A 141 -18.45 -19.84 -4.73
CA PRO A 141 -18.55 -21.27 -4.50
C PRO A 141 -17.18 -21.89 -4.35
N ALA B 4 9.17 26.20 -17.61
CA ALA B 4 9.43 24.87 -16.98
C ALA B 4 8.36 23.84 -17.34
N ILE B 5 8.78 22.59 -17.45
CA ILE B 5 7.87 21.48 -17.77
C ILE B 5 7.79 20.56 -16.56
N LYS B 6 6.68 20.63 -15.84
CA LYS B 6 6.51 19.77 -14.68
C LYS B 6 5.36 18.83 -14.97
N VAL B 7 5.66 17.54 -15.03
CA VAL B 7 4.60 16.58 -15.27
C VAL B 7 4.31 15.75 -14.05
N GLY B 8 3.03 15.42 -13.92
CA GLY B 8 2.58 14.59 -12.84
C GLY B 8 2.36 15.19 -11.48
N ALA B 9 2.72 14.33 -10.53
CA ALA B 9 2.59 14.51 -9.10
C ALA B 9 1.65 13.32 -8.94
N TRP B 10 2.22 12.12 -8.95
CA TRP B 10 1.47 10.88 -8.80
C TRP B 10 1.47 10.49 -7.32
N GLY B 11 0.28 10.35 -6.74
CA GLY B 11 0.18 9.97 -5.34
C GLY B 11 -0.92 10.73 -4.62
N GLY B 12 -0.90 10.66 -3.29
CA GLY B 12 -1.92 11.32 -2.49
C GLY B 12 -1.72 12.80 -2.23
N ASN B 13 -2.64 13.39 -1.47
CA ASN B 13 -2.60 14.82 -1.14
C ASN B 13 -2.16 15.05 0.29
N GLY B 14 -1.70 13.98 0.95
CA GLY B 14 -1.25 14.09 2.33
C GLY B 14 0.18 14.61 2.39
N GLY B 15 0.77 14.54 3.58
CA GLY B 15 2.13 15.01 3.76
C GLY B 15 2.30 16.49 3.46
N SER B 16 3.54 16.89 3.18
CA SER B 16 3.82 18.29 2.88
C SER B 16 4.50 18.41 1.52
N ALA B 17 4.20 19.50 0.82
CA ALA B 17 4.77 19.73 -0.50
C ALA B 17 6.28 19.86 -0.42
N PHE B 18 6.95 19.46 -1.48
CA PHE B 18 8.39 19.57 -1.58
C PHE B 18 8.67 19.83 -3.04
N ASP B 19 9.66 20.65 -3.31
CA ASP B 19 10.02 20.99 -4.69
C ASP B 19 11.52 21.16 -4.77
N MET B 20 12.18 20.19 -5.39
CA MET B 20 13.62 20.23 -5.54
C MET B 20 14.02 21.21 -6.63
N GLY B 21 13.11 21.51 -7.54
CA GLY B 21 13.44 22.40 -8.63
C GLY B 21 14.38 21.67 -9.57
N PRO B 22 14.65 22.23 -10.77
CA PRO B 22 15.55 21.53 -11.69
C PRO B 22 17.01 21.53 -11.25
N ALA B 23 17.77 20.55 -11.74
CA ALA B 23 19.18 20.41 -11.44
C ALA B 23 19.96 20.53 -12.73
N TYR B 24 21.24 20.85 -12.64
CA TYR B 24 22.08 20.97 -13.82
C TYR B 24 22.34 19.55 -14.30
N ARG B 25 22.59 18.66 -13.34
CA ARG B 25 22.84 17.24 -13.62
C ARG B 25 22.59 16.43 -12.36
N ILE B 26 21.76 15.39 -12.48
CA ILE B 26 21.48 14.54 -11.34
C ILE B 26 22.66 13.59 -11.23
N ILE B 27 23.09 13.33 -10.01
CA ILE B 27 24.24 12.46 -9.79
C ILE B 27 23.79 11.08 -9.37
N SER B 28 22.91 11.02 -8.39
CA SER B 28 22.43 9.74 -7.94
C SER B 28 21.06 9.90 -7.30
N VAL B 29 20.35 8.79 -7.19
CA VAL B 29 19.04 8.78 -6.57
C VAL B 29 18.97 7.53 -5.72
N LYS B 30 18.52 7.69 -4.49
CA LYS B 30 18.40 6.55 -3.59
C LYS B 30 16.94 6.43 -3.20
N ILE B 31 16.40 5.22 -3.36
CA ILE B 31 15.01 4.98 -3.02
C ILE B 31 14.90 4.08 -1.80
N PHE B 32 14.20 4.56 -0.78
CA PHE B 32 14.00 3.80 0.43
C PHE B 32 12.61 3.17 0.39
N SER B 33 12.56 1.84 0.46
CA SER B 33 11.28 1.15 0.43
C SER B 33 11.19 -0.04 1.40
N GLY B 34 9.97 -0.30 1.82
CA GLY B 34 9.62 -1.37 2.70
C GLY B 34 8.32 -1.89 2.15
N ASP B 35 7.23 -1.72 2.89
CA ASP B 35 5.93 -2.11 2.37
C ASP B 35 5.70 -1.15 1.21
N VAL B 36 5.95 0.13 1.48
CA VAL B 36 5.79 1.19 0.49
C VAL B 36 7.12 1.90 0.21
N VAL B 37 7.04 3.06 -0.41
CA VAL B 37 8.22 3.88 -0.72
C VAL B 37 8.32 4.94 0.38
N ASP B 38 9.27 4.72 1.29
CA ASP B 38 9.48 5.64 2.41
C ASP B 38 9.94 7.04 1.98
N GLY B 39 10.91 7.08 1.07
CA GLY B 39 11.41 8.36 0.60
C GLY B 39 12.54 8.19 -0.40
N VAL B 40 13.06 9.31 -0.90
CA VAL B 40 14.17 9.28 -1.85
C VAL B 40 15.18 10.38 -1.56
N ASP B 41 16.44 10.10 -1.87
CA ASP B 41 17.51 11.07 -1.70
C ASP B 41 17.96 11.42 -3.11
N VAL B 42 18.26 12.69 -3.33
CA VAL B 42 18.73 13.09 -4.64
C VAL B 42 20.00 13.93 -4.50
N THR B 43 21.06 13.50 -5.18
CA THR B 43 22.32 14.21 -5.15
C THR B 43 22.51 14.73 -6.57
N PHE B 44 22.70 16.04 -6.67
CA PHE B 44 22.84 16.69 -7.96
C PHE B 44 23.66 17.98 -7.90
N THR B 45 24.14 18.42 -9.05
CA THR B 45 24.90 19.65 -9.13
C THR B 45 23.90 20.77 -9.40
N TYR B 46 24.29 22.00 -9.07
CA TYR B 46 23.42 23.15 -9.23
C TYR B 46 24.24 24.43 -9.15
N TYR B 47 24.49 25.04 -10.30
CA TYR B 47 25.26 26.28 -10.38
C TYR B 47 26.59 26.23 -9.62
N GLY B 48 27.38 25.20 -9.91
CA GLY B 48 28.66 25.05 -9.27
C GLY B 48 28.70 24.21 -8.01
N LYS B 49 27.61 24.18 -7.25
CA LYS B 49 27.55 23.42 -6.00
C LYS B 49 27.00 22.01 -6.13
N THR B 50 27.37 21.15 -5.19
CA THR B 50 26.87 19.78 -5.16
C THR B 50 25.93 19.73 -3.98
N GLU B 51 24.70 19.27 -4.20
CA GLU B 51 23.72 19.20 -3.12
C GLU B 51 22.95 17.91 -3.03
N THR B 52 22.44 17.64 -1.83
CA THR B 52 21.66 16.44 -1.58
C THR B 52 20.37 16.81 -0.89
N ARG B 53 19.29 16.14 -1.30
CA ARG B 53 18.00 16.39 -0.71
C ARG B 53 17.28 15.07 -0.41
N HIS B 54 16.52 15.08 0.67
CA HIS B 54 15.77 13.91 1.07
C HIS B 54 14.30 14.28 1.15
N TYR B 55 13.46 13.39 0.63
CA TYR B 55 12.02 13.59 0.65
C TYR B 55 11.40 12.32 1.20
N GLY B 56 10.38 12.47 2.04
CA GLY B 56 9.74 11.31 2.63
C GLY B 56 10.24 11.08 4.04
N GLY B 57 9.84 9.96 4.62
CA GLY B 57 10.24 9.66 5.98
C GLY B 57 11.63 9.08 6.08
N SER B 58 11.93 8.47 7.21
CA SER B 58 13.25 7.90 7.45
C SER B 58 13.32 6.37 7.44
N GLY B 59 12.17 5.72 7.25
CA GLY B 59 12.17 4.27 7.23
C GLY B 59 12.65 3.69 5.93
N GLY B 60 12.57 2.36 5.82
CA GLY B 60 12.96 1.67 4.60
C GLY B 60 14.41 1.33 4.39
N THR B 61 14.64 0.52 3.36
CA THR B 61 15.96 0.07 2.95
C THR B 61 16.27 0.80 1.64
N PRO B 62 17.52 1.23 1.45
CA PRO B 62 17.84 1.94 0.21
C PRO B 62 18.29 1.13 -1.01
N HIS B 63 17.96 1.67 -2.17
CA HIS B 63 18.32 1.18 -3.46
C HIS B 63 18.83 2.41 -4.19
N GLU B 64 20.10 2.39 -4.58
CA GLU B 64 20.67 3.55 -5.23
C GLU B 64 20.90 3.43 -6.73
N ILE B 65 20.68 4.54 -7.42
CA ILE B 65 20.89 4.62 -8.85
C ILE B 65 21.96 5.69 -9.03
N VAL B 66 23.12 5.28 -9.55
CA VAL B 66 24.23 6.20 -9.79
C VAL B 66 24.43 6.37 -11.29
N LEU B 67 24.20 7.58 -11.79
CA LEU B 67 24.35 7.83 -13.22
C LEU B 67 25.80 8.05 -13.67
N GLN B 68 26.19 7.34 -14.72
CA GLN B 68 27.53 7.45 -15.27
C GLN B 68 27.61 8.61 -16.25
N GLU B 69 28.72 8.70 -16.98
CA GLU B 69 28.92 9.78 -17.95
C GLU B 69 27.90 9.70 -19.09
N GLY B 70 27.25 10.83 -19.36
CA GLY B 70 26.26 10.89 -20.42
C GLY B 70 25.10 9.93 -20.19
N GLU B 71 24.73 9.77 -18.93
CA GLU B 71 23.63 8.87 -18.56
C GLU B 71 22.54 9.69 -17.86
N TYR B 72 21.32 9.63 -18.38
CA TYR B 72 20.22 10.38 -17.80
C TYR B 72 19.03 9.51 -17.45
N LEU B 73 18.12 10.09 -16.67
CA LEU B 73 16.90 9.40 -16.28
C LEU B 73 15.89 9.68 -17.38
N VAL B 74 15.47 8.63 -18.09
CA VAL B 74 14.51 8.76 -19.18
C VAL B 74 13.22 7.99 -18.90
N GLY B 75 12.92 7.76 -17.62
CA GLY B 75 11.71 7.05 -17.28
C GLY B 75 11.49 6.89 -15.79
N MET B 76 10.22 6.89 -15.39
CA MET B 76 9.84 6.71 -14.00
C MET B 76 8.49 6.00 -13.94
N ALA B 77 8.45 4.88 -13.23
CA ALA B 77 7.22 4.11 -13.09
C ALA B 77 7.01 3.71 -11.64
N GLY B 78 5.77 3.41 -11.30
CA GLY B 78 5.44 3.01 -9.94
C GLY B 78 3.96 2.78 -9.77
N GLU B 79 3.54 2.72 -8.53
CA GLU B 79 2.13 2.49 -8.22
C GLU B 79 1.73 3.26 -6.97
N VAL B 80 0.65 4.01 -7.07
CA VAL B 80 0.15 4.78 -5.94
C VAL B 80 -0.99 3.99 -5.35
N ALA B 81 -1.10 3.94 -4.03
CA ALA B 81 -2.18 3.18 -3.41
C ALA B 81 -2.40 3.54 -1.95
N ASN B 82 -3.49 3.02 -1.39
CA ASN B 82 -3.86 3.30 -0.01
C ASN B 82 -3.22 2.34 0.99
N TYR B 83 -2.20 2.86 1.67
CA TYR B 83 -1.46 2.10 2.66
C TYR B 83 -2.01 2.44 4.04
N HIS B 84 -2.61 1.45 4.68
CA HIS B 84 -3.17 1.62 6.01
C HIS B 84 -3.78 3.00 6.22
N GLY B 85 -4.46 3.53 5.20
CA GLY B 85 -5.11 4.81 5.33
C GLY B 85 -4.52 6.01 4.61
N ALA B 86 -3.29 5.88 4.11
CA ALA B 86 -2.65 6.99 3.41
C ALA B 86 -2.34 6.66 1.96
N VAL B 87 -2.79 7.51 1.05
CA VAL B 87 -2.52 7.32 -0.36
C VAL B 87 -1.06 7.72 -0.60
N VAL B 88 -0.20 6.73 -0.79
CA VAL B 88 1.23 6.98 -1.01
C VAL B 88 1.77 6.10 -2.13
N LEU B 89 3.02 6.31 -2.51
CA LEU B 89 3.62 5.50 -3.55
C LEU B 89 4.02 4.17 -2.95
N GLY B 90 3.41 3.09 -3.44
CA GLY B 90 3.71 1.77 -2.93
C GLY B 90 4.88 1.15 -3.65
N LYS B 91 5.14 1.62 -4.87
CA LYS B 91 6.25 1.10 -5.66
C LYS B 91 6.79 2.24 -6.50
N LEU B 92 8.10 2.21 -6.76
CA LEU B 92 8.72 3.28 -7.56
C LEU B 92 9.99 2.76 -8.21
N GLY B 93 10.22 3.18 -9.44
CA GLY B 93 11.40 2.77 -10.17
C GLY B 93 11.77 3.83 -11.17
N PHE B 94 12.95 3.70 -11.77
CA PHE B 94 13.42 4.67 -12.76
C PHE B 94 14.15 3.96 -13.86
N SER B 95 14.33 4.65 -14.97
CA SER B 95 15.06 4.07 -16.09
C SER B 95 16.04 5.07 -16.65
N THR B 96 17.23 4.58 -16.98
CA THR B 96 18.26 5.41 -17.58
C THR B 96 18.36 4.95 -19.02
N ASN B 97 19.03 5.73 -19.85
CA ASN B 97 19.17 5.39 -21.25
C ASN B 97 19.97 4.11 -21.43
N LYS B 98 20.20 3.38 -20.34
CA LYS B 98 20.94 2.14 -20.41
C LYS B 98 20.36 0.98 -19.59
N LYS B 99 19.71 1.29 -18.47
CA LYS B 99 19.13 0.24 -17.62
C LYS B 99 17.86 0.69 -16.89
N ALA B 100 17.04 -0.27 -16.49
CA ALA B 100 15.80 0.01 -15.77
C ALA B 100 15.99 -0.42 -14.32
N TYR B 101 15.56 0.41 -13.36
CA TYR B 101 15.72 0.07 -11.95
C TYR B 101 14.40 -0.14 -11.23
N GLY B 102 14.38 -1.10 -10.33
CA GLY B 102 13.18 -1.39 -9.57
C GLY B 102 12.08 -1.92 -10.46
N PRO B 103 10.82 -1.53 -10.20
CA PRO B 103 10.44 -0.63 -9.11
C PRO B 103 10.75 -1.22 -7.74
N PHE B 104 10.82 -0.35 -6.73
CA PHE B 104 11.10 -0.77 -5.37
C PHE B 104 9.86 -0.47 -4.54
N GLY B 105 9.59 -1.32 -3.55
CA GLY B 105 8.41 -1.18 -2.72
C GLY B 105 7.59 -2.43 -2.94
N ASN B 106 6.75 -2.82 -1.98
CA ASN B 106 5.98 -4.06 -2.14
C ASN B 106 4.46 -3.90 -2.08
N THR B 107 3.96 -2.69 -2.26
CA THR B 107 2.52 -2.49 -2.20
C THR B 107 1.97 -1.92 -3.49
N GLY B 108 1.25 -2.77 -4.22
CA GLY B 108 0.67 -2.35 -5.48
C GLY B 108 -0.57 -1.48 -5.30
N GLY B 109 -1.08 -0.99 -6.41
CA GLY B 109 -2.25 -0.14 -6.42
C GLY B 109 -2.44 0.29 -7.86
N THR B 110 -3.00 1.48 -8.08
CA THR B 110 -3.18 1.96 -9.43
C THR B 110 -1.84 2.44 -10.00
N PRO B 111 -1.34 1.74 -11.03
CA PRO B 111 -0.06 2.04 -11.71
C PRO B 111 -0.01 3.35 -12.46
N PHE B 112 1.22 3.73 -12.80
CA PHE B 112 1.50 4.93 -13.57
C PHE B 112 2.86 4.68 -14.20
N SER B 113 3.18 5.40 -15.25
CA SER B 113 4.46 5.20 -15.92
C SER B 113 4.75 6.41 -16.78
N LEU B 114 6.03 6.68 -17.00
CA LEU B 114 6.38 7.85 -17.79
C LEU B 114 7.61 7.62 -18.61
N PRO B 115 7.46 6.93 -19.76
CA PRO B 115 8.65 6.72 -20.57
C PRO B 115 8.96 8.04 -21.26
N ILE B 116 10.23 8.34 -21.44
CA ILE B 116 10.60 9.61 -22.07
C ILE B 116 11.36 9.33 -23.36
N ALA B 117 10.66 9.45 -24.48
CA ALA B 117 11.23 9.19 -25.80
C ALA B 117 12.30 10.21 -26.16
N ALA B 118 12.11 11.44 -25.74
CA ALA B 118 13.08 12.50 -26.02
C ALA B 118 13.07 13.46 -24.84
N GLY B 119 14.24 13.70 -24.25
CA GLY B 119 14.33 14.60 -23.12
C GLY B 119 14.79 13.84 -21.89
N LYS B 120 14.68 14.45 -20.73
CA LYS B 120 15.15 13.78 -19.52
C LYS B 120 14.53 14.36 -18.26
N ILE B 121 14.66 13.62 -17.17
CA ILE B 121 14.17 14.07 -15.88
C ILE B 121 15.31 14.92 -15.29
N SER B 122 15.01 16.15 -14.90
CA SER B 122 16.02 17.03 -14.34
C SER B 122 15.77 17.34 -12.87
N GLY B 123 14.63 16.92 -12.33
CA GLY B 123 14.34 17.21 -10.94
C GLY B 123 13.05 16.60 -10.45
N PHE B 124 12.77 16.78 -9.15
CA PHE B 124 11.56 16.24 -8.56
C PHE B 124 10.76 17.24 -7.77
N PHE B 125 9.51 16.87 -7.50
CA PHE B 125 8.60 17.69 -6.72
C PHE B 125 7.49 16.75 -6.26
N GLY B 126 6.68 17.20 -5.32
CA GLY B 126 5.61 16.34 -4.86
C GLY B 126 5.23 16.55 -3.41
N ARG B 127 4.98 15.45 -2.72
CA ARG B 127 4.59 15.51 -1.33
C ARG B 127 5.18 14.36 -0.56
N GLY B 128 5.53 14.63 0.69
CA GLY B 128 6.12 13.63 1.54
C GLY B 128 5.78 13.88 3.00
N GLY B 129 5.90 12.81 3.80
CA GLY B 129 5.63 12.89 5.22
C GLY B 129 6.38 11.73 5.84
N LYS B 130 5.65 10.76 6.37
CA LYS B 130 6.31 9.59 6.94
C LYS B 130 6.77 8.75 5.77
N PHE B 131 6.03 8.86 4.66
CA PHE B 131 6.39 8.12 3.44
C PHE B 131 6.34 9.07 2.25
N LEU B 132 6.64 8.55 1.06
CA LEU B 132 6.61 9.39 -0.13
C LEU B 132 5.17 9.44 -0.65
N ASP B 133 4.42 10.43 -0.19
CA ASP B 133 3.03 10.61 -0.57
C ASP B 133 2.80 10.68 -2.07
N ALA B 134 3.53 11.58 -2.72
CA ALA B 134 3.39 11.76 -4.15
C ALA B 134 4.69 12.26 -4.75
N ILE B 135 4.90 11.99 -6.03
CA ILE B 135 6.11 12.43 -6.67
C ILE B 135 5.88 12.80 -8.12
N GLY B 136 6.59 13.84 -8.56
CA GLY B 136 6.50 14.34 -9.92
C GLY B 136 7.91 14.66 -10.40
N VAL B 137 8.05 15.09 -11.64
CA VAL B 137 9.37 15.40 -12.14
C VAL B 137 9.39 16.60 -13.06
N TYR B 138 10.58 17.17 -13.23
CA TYR B 138 10.80 18.31 -14.11
C TYR B 138 11.37 17.67 -15.35
N LEU B 139 11.04 18.18 -16.53
CA LEU B 139 11.57 17.58 -17.75
C LEU B 139 12.32 18.59 -18.58
N GLU B 140 13.37 18.16 -19.24
CA GLU B 140 14.14 19.07 -20.07
C GLU B 140 14.60 18.36 -21.33
N PRO B 141 14.88 19.13 -22.40
CA PRO B 141 15.35 18.60 -23.68
C PRO B 141 16.61 17.79 -23.47
C1 MMA C . -2.95 -1.14 22.55
C2 MMA C . -1.72 -1.80 21.87
C3 MMA C . -1.50 -1.24 20.44
C4 MMA C . -2.77 -1.46 19.62
C5 MMA C . -3.98 -0.80 20.32
C6 MMA C . -5.28 -1.05 19.57
C7 MMA C . -3.76 1.00 23.36
O1 MMA C . -2.68 0.25 22.71
O2 MMA C . -1.95 -3.20 21.75
O3 MMA C . -0.42 -2.00 19.82
O4 MMA C . -2.59 -0.95 18.31
O5 MMA C . -4.12 -1.33 21.69
O6 MMA C . -5.50 -2.45 19.36
C1 XYP C . 0.71 -1.27 19.50
C2 XYP C . 1.80 -2.24 19.01
C3 XYP C . 3.05 -1.43 18.63
C4 XYP C . 2.68 -0.41 17.54
C5 XYP C . 1.54 0.52 18.05
O2 XYP C . 2.12 -3.18 20.03
O3 XYP C . 4.08 -2.31 18.18
O4 XYP C . 3.81 0.35 17.16
O5 XYP C . 0.37 -0.29 18.46
C1 MMA D . -9.50 7.75 13.62
C2 MMA D . -10.26 8.23 12.35
C3 MMA D . -11.76 7.87 12.45
C4 MMA D . -11.91 6.36 12.64
C5 MMA D . -11.13 5.91 13.89
C6 MMA D . -11.22 4.40 14.07
C7 MMA D . -9.34 8.09 16.00
O1 MMA D . -10.00 8.46 14.75
O2 MMA D . -9.72 7.56 11.21
O3 MMA D . -12.36 8.23 11.18
O4 MMA D . -13.29 6.00 12.75
O5 MMA D . -9.73 6.31 13.77
O6 MMA D . -10.40 3.71 13.13
C1 XYP D . -13.27 9.27 11.20
C2 XYP D . -13.48 9.78 9.77
C3 XYP D . -14.49 10.92 9.78
C4 XYP D . -15.81 10.41 10.40
C5 XYP D . -15.55 9.87 11.83
O2 XYP D . -12.24 10.22 9.21
O3 XYP D . -14.71 11.42 8.46
O4 XYP D . -16.78 11.44 10.43
O5 XYP D . -14.52 8.80 11.78
C1 MMA E . 8.05 -2.10 6.76
C2 MMA E . 9.58 -1.91 6.87
C3 MMA E . 9.93 -0.43 7.23
C4 MMA E . 9.35 0.49 6.20
C5 MMA E . 7.81 0.27 6.08
C6 MMA E . 7.21 1.14 4.99
C7 MMA E . 6.03 -2.00 8.10
O1 MMA E . 7.49 -1.85 8.03
O2 MMA E . 10.17 -2.21 5.61
O3 MMA E . 11.37 -0.31 7.17
O4 MMA E . 9.63 1.85 6.51
O5 MMA E . 7.55 -1.15 5.77
O6 MMA E . 7.89 0.94 3.75
C1 XYP E . 12.02 -0.11 8.36
C2 XYP E . 13.51 -0.33 8.16
C3 XYP E . 14.24 -0.07 9.48
C4 XYP E . 13.96 1.37 9.94
C5 XYP E . 12.42 1.56 10.10
O2 XYP E . 13.77 -1.67 7.72
O3 XYP E . 15.65 -0.29 9.32
O4 XYP E . 14.62 1.64 11.16
O5 XYP E . 11.74 1.27 8.82
C1 MMA F . 2.22 10.79 8.39
C2 MMA F . 1.87 12.27 8.06
C3 MMA F . 0.79 12.36 6.95
C4 MMA F . 1.30 11.63 5.70
C5 MMA F . 1.65 10.16 6.06
C6 MMA F . 2.20 9.40 4.87
C7 MMA F . 1.31 8.76 9.30
O1 MMA F . 1.08 10.16 8.94
O2 MMA F . 3.05 12.92 7.57
O3 MMA F . 0.60 13.76 6.61
O4 MMA F . 0.34 11.68 4.66
O5 MMA F . 2.62 10.12 7.16
O6 MMA F . 3.43 9.99 4.41
C1 XYP F . -0.58 14.34 7.04
C2 XYP F . -0.47 15.88 6.91
C3 XYP F . -1.79 16.52 7.36
C4 XYP F . -2.94 15.97 6.49
C5 XYP F . -2.99 14.42 6.63
O2 XYP F . 0.62 16.36 7.70
O3 XYP F . -1.71 17.94 7.24
O4 XYP F . -4.17 16.55 6.89
O5 XYP F . -1.69 13.83 6.23
S SO4 G . -16.04 7.07 2.23
O1 SO4 G . -15.17 7.14 1.04
O2 SO4 G . -17.34 6.45 1.85
O3 SO4 G . -15.40 6.26 3.27
O4 SO4 G . -16.29 8.43 2.74
S SO4 H . -6.36 -1.68 -5.97
O1 SO4 H . -5.94 -2.26 -4.69
O2 SO4 H . -5.66 -2.35 -7.08
O3 SO4 H . -7.82 -1.83 -6.14
O4 SO4 H . -6.04 -0.23 -6.00
CD CD I . 0.19 -3.61 7.11
CD CD J . -12.99 5.67 26.84
S SO4 K . 1.27 22.33 1.97
O1 SO4 K . 0.09 22.00 2.80
O2 SO4 K . 2.21 21.20 1.99
O3 SO4 K . 0.83 22.60 0.58
O4 SO4 K . 1.94 23.54 2.51
S SO4 L . 16.69 17.89 3.08
O1 SO4 L . 15.78 18.82 3.78
O2 SO4 L . 16.77 16.61 3.81
O3 SO4 L . 16.18 17.65 1.70
O4 SO4 L . 18.05 18.48 3.00
#